data_7MSD
#
_entry.id   7MSD
#
_cell.length_a   57.800
_cell.length_b   85.570
_cell.length_c   91.916
_cell.angle_alpha   90.000
_cell.angle_beta   90.000
_cell.angle_gamma   90.000
#
_symmetry.space_group_name_H-M   'P 21 21 21'
#
loop_
_entity.id
_entity.type
_entity.pdbx_description
1 polymer 'Polycomb protein EED'
2 non-polymer (9aP,12aR)-4-(2,2-difluoropropyl)-12-{[(5-fluoro-2,3-dihydro-1-benzofuran-4-yl)methyl]amino}-7-(trifluoromethyl)-4,5-dihydro-3H-2,4,8,11,12a-pentaazabenzo[4,5]cycloocta[1,2,3-cd]inden-3-one
3 non-polymer 'FORMIC ACID'
4 water water
#
_entity_poly.entity_id   1
_entity_poly.type   'polypeptide(L)'
_entity_poly.pdbx_seq_one_letter_code
;SNAKCKYSFKCVNSLKEDHNQPLFGVQFNWHSKEGDPLVFATVGSNRVTLYECHSQGEIRLLQSYVDADADENFYTCAWT
YDSNTSHPLLAVAGSRGIIRIINPITMQCIKHYVGHGNAINELKFHPRDPNLLLSVSKDHALRLWNIQTDTLVAIFGGVE
GHRDEVLSADYDLLGEKIMSCGMDHSLKLWRINSKRMMNAIKESYDYNPNKTNRPFISQKIHFPDFSTRDIHRNYVDCVR
WLGDLILSKSCENAIVCWKPGKMEDDIDKIKPSESNVTILGRFDYSQCDIWYMRFSTDFWQKMLALGNQVGKLYVWDLEV
EDPHKAKCTTLTHHKCGAAIRQTSFSRDSSILIAVCDDASIWRWDRLR
;
_entity_poly.pdbx_strand_id   A
#
# COMPACT_ATOMS: atom_id res chain seq x y z
N SER A 8 -24.96 -2.56 5.85
CA SER A 8 -24.77 -2.31 4.43
C SER A 8 -24.29 -0.86 4.16
N PHE A 9 -23.75 -0.60 2.97
CA PHE A 9 -23.24 0.73 2.63
C PHE A 9 -24.19 1.51 1.73
N LYS A 10 -24.29 2.82 1.97
CA LYS A 10 -25.11 3.71 1.17
C LYS A 10 -24.23 4.83 0.65
N CYS A 11 -24.37 5.19 -0.63
CA CYS A 11 -23.57 6.25 -1.21
C CYS A 11 -24.18 7.56 -0.71
N VAL A 12 -23.39 8.37 0.00
CA VAL A 12 -23.87 9.60 0.61
C VAL A 12 -23.32 10.88 0.00
N ASN A 13 -22.27 10.79 -0.84
CA ASN A 13 -21.70 11.99 -1.45
C ASN A 13 -20.66 11.66 -2.51
N SER A 14 -20.43 12.58 -3.42
CA SER A 14 -19.42 12.47 -4.46
C SER A 14 -18.77 13.85 -4.64
N LEU A 15 -17.56 13.86 -5.14
CA LEU A 15 -16.76 15.07 -5.30
C LEU A 15 -15.92 14.91 -6.58
N LYS A 16 -15.37 15.99 -7.12
CA LYS A 16 -14.48 15.90 -8.27
C LYS A 16 -13.33 16.86 -8.09
N GLU A 17 -12.07 16.42 -8.33
CA GLU A 17 -10.92 17.29 -8.20
C GLU A 17 -10.71 18.09 -9.51
N ASP A 18 -10.19 19.33 -9.42
CA ASP A 18 -10.06 20.23 -10.58
C ASP A 18 -9.08 19.82 -11.66
N HIS A 19 -8.06 19.01 -11.34
CA HIS A 19 -7.07 18.61 -12.35
C HIS A 19 -7.62 17.66 -13.42
N ASN A 20 -8.73 16.96 -13.13
CA ASN A 20 -9.37 16.00 -14.03
C ASN A 20 -8.48 14.80 -14.41
N GLN A 21 -7.33 14.64 -13.75
CA GLN A 21 -6.46 13.48 -13.98
C GLN A 21 -6.92 12.33 -13.06
N PRO A 22 -6.55 11.06 -13.36
CA PRO A 22 -6.95 9.98 -12.46
C PRO A 22 -6.41 10.16 -11.04
N LEU A 23 -7.17 9.66 -10.07
CA LEU A 23 -6.72 9.62 -8.68
C LEU A 23 -6.18 8.19 -8.51
N PHE A 24 -4.87 8.05 -8.28
CA PHE A 24 -4.26 6.73 -8.15
C PHE A 24 -4.28 6.15 -6.75
N GLY A 25 -4.52 6.98 -5.74
CA GLY A 25 -4.52 6.51 -4.37
C GLY A 25 -5.40 7.28 -3.43
N VAL A 26 -5.81 6.60 -2.35
CA VAL A 26 -6.62 7.15 -1.29
C VAL A 26 -6.30 6.38 -0.02
N GLN A 27 -6.07 7.11 1.09
CA GLN A 27 -5.79 6.47 2.36
C GLN A 27 -6.40 7.31 3.47
N PHE A 28 -7.18 6.68 4.32
CA PHE A 28 -7.64 7.31 5.55
C PHE A 28 -6.46 7.33 6.49
N ASN A 29 -6.43 8.33 7.39
CA ASN A 29 -5.41 8.37 8.41
C ASN A 29 -5.92 7.51 9.57
N TRP A 30 -5.36 6.29 9.77
CA TRP A 30 -5.74 5.47 10.92
C TRP A 30 -5.07 5.90 12.23
N HIS A 31 -4.21 6.93 12.20
CA HIS A 31 -3.53 7.46 13.39
C HIS A 31 -4.19 8.74 13.89
N SER A 32 -5.44 9.05 13.48
CA SER A 32 -6.09 10.28 13.95
C SER A 32 -6.59 10.08 15.36
N LYS A 33 -6.35 11.08 16.22
CA LYS A 33 -6.72 11.09 17.64
C LYS A 33 -8.23 10.98 17.90
N GLU A 34 -8.59 10.44 19.08
CA GLU A 34 -9.99 10.30 19.46
C GLU A 34 -10.74 11.63 19.47
N GLY A 35 -11.97 11.62 18.97
CA GLY A 35 -12.78 12.82 18.91
C GLY A 35 -12.58 13.67 17.67
N ASP A 36 -11.39 13.59 17.05
CA ASP A 36 -11.08 14.35 15.84
C ASP A 36 -11.81 13.77 14.64
N PRO A 37 -12.20 14.60 13.64
CA PRO A 37 -12.89 14.04 12.47
C PRO A 37 -11.99 13.10 11.66
N LEU A 38 -12.61 12.25 10.86
CA LEU A 38 -11.90 11.31 10.02
C LEU A 38 -11.31 12.07 8.84
N VAL A 39 -10.03 11.83 8.58
CA VAL A 39 -9.33 12.52 7.52
C VAL A 39 -8.78 11.51 6.54
N PHE A 40 -8.85 11.84 5.25
CA PHE A 40 -8.25 10.99 4.24
C PHE A 40 -7.45 11.83 3.24
N ALA A 41 -6.47 11.18 2.60
CA ALA A 41 -5.65 11.83 1.60
C ALA A 41 -5.94 11.18 0.25
N THR A 42 -5.91 11.97 -0.83
CA THR A 42 -6.00 11.41 -2.18
C THR A 42 -4.71 11.81 -2.90
N VAL A 43 -4.26 11.02 -3.87
CA VAL A 43 -3.10 11.39 -4.68
C VAL A 43 -3.53 11.28 -6.13
N GLY A 44 -3.08 12.24 -6.92
CA GLY A 44 -3.41 12.31 -8.33
C GLY A 44 -2.72 13.49 -8.96
N SER A 45 -2.44 13.43 -10.27
CA SER A 45 -1.71 14.50 -10.98
C SER A 45 -0.36 14.77 -10.23
N ASN A 46 0.07 16.03 -10.00
CA ASN A 46 1.27 16.28 -9.19
C ASN A 46 0.81 16.77 -7.80
N ARG A 47 -0.28 16.21 -7.27
CA ARG A 47 -0.92 16.73 -6.06
C ARG A 47 -1.31 15.66 -5.04
N VAL A 48 -1.31 16.03 -3.76
CA VAL A 48 -1.86 15.24 -2.68
C VAL A 48 -2.87 16.17 -1.98
N THR A 49 -4.10 15.74 -1.75
CA THR A 49 -5.13 16.60 -1.11
C THR A 49 -5.72 15.92 0.11
N LEU A 50 -6.00 16.69 1.18
CA LEU A 50 -6.64 16.18 2.39
C LEU A 50 -8.08 16.63 2.50
N TYR A 51 -8.94 15.73 3.00
CA TYR A 51 -10.35 15.98 3.22
C TYR A 51 -10.76 15.48 4.60
N GLU A 52 -11.78 16.11 5.20
CA GLU A 52 -12.35 15.71 6.48
C GLU A 52 -13.75 15.19 6.22
N CYS A 53 -14.11 14.05 6.80
CA CYS A 53 -15.44 13.48 6.69
C CYS A 53 -16.28 14.03 7.83
N HIS A 54 -17.46 14.53 7.52
CA HIS A 54 -18.40 15.10 8.49
C HIS A 54 -19.80 14.48 8.37
N SER A 55 -20.70 14.83 9.30
CA SER A 55 -22.09 14.34 9.32
C SER A 55 -22.86 14.74 8.06
N GLN A 56 -23.90 13.96 7.72
CA GLN A 56 -24.74 14.18 6.53
C GLN A 56 -23.95 14.08 5.24
N GLY A 57 -22.96 13.19 5.22
CA GLY A 57 -22.13 12.92 4.07
C GLY A 57 -21.21 14.04 3.62
N GLU A 58 -21.09 15.13 4.41
CA GLU A 58 -20.22 16.24 4.02
C GLU A 58 -18.75 15.85 3.98
N ILE A 59 -18.07 16.24 2.92
CA ILE A 59 -16.64 16.04 2.76
C ILE A 59 -16.06 17.44 2.68
N ARG A 60 -15.33 17.85 3.71
CA ARG A 60 -14.73 19.17 3.74
C ARG A 60 -13.31 19.17 3.14
N LEU A 61 -13.09 19.98 2.11
CA LEU A 61 -11.78 20.15 1.49
C LEU A 61 -10.88 20.96 2.43
N LEU A 62 -9.66 20.47 2.67
CA LEU A 62 -8.74 21.17 3.57
C LEU A 62 -7.62 21.88 2.79
N GLN A 63 -6.55 21.16 2.42
CA GLN A 63 -5.41 21.77 1.79
C GLN A 63 -4.66 20.74 0.94
N SER A 64 -3.94 21.22 -0.09
CA SER A 64 -3.16 20.37 -0.98
C SER A 64 -1.70 20.69 -0.90
N TYR A 65 -0.86 19.73 -1.28
CA TYR A 65 0.56 19.91 -1.51
C TYR A 65 0.65 19.72 -3.04
N VAL A 66 1.15 20.71 -3.75
CA VAL A 66 1.31 20.64 -5.20
C VAL A 66 2.80 20.63 -5.48
N ASP A 67 3.28 19.62 -6.19
CA ASP A 67 4.70 19.50 -6.48
C ASP A 67 5.19 20.62 -7.39
N ALA A 68 6.44 21.07 -7.17
CA ALA A 68 7.05 22.15 -7.96
C ALA A 68 7.09 21.76 -9.44
N ASP A 69 7.43 20.49 -9.73
CA ASP A 69 7.46 19.95 -11.08
C ASP A 69 6.05 19.59 -11.54
N ALA A 70 5.57 20.27 -12.59
CA ALA A 70 4.24 20.02 -13.17
C ALA A 70 4.13 18.61 -13.79
N ASP A 71 5.27 17.99 -14.13
CA ASP A 71 5.29 16.64 -14.72
C ASP A 71 5.31 15.51 -13.67
N GLU A 72 5.34 15.84 -12.37
CA GLU A 72 5.31 14.80 -11.33
C GLU A 72 3.93 14.14 -11.33
N ASN A 73 3.92 12.84 -11.09
CA ASN A 73 2.69 12.06 -10.96
C ASN A 73 2.80 11.33 -9.63
N PHE A 74 1.98 11.67 -8.63
CA PHE A 74 2.00 10.93 -7.36
C PHE A 74 1.22 9.63 -7.52
N TYR A 75 1.83 8.49 -7.18
CA TYR A 75 1.19 7.19 -7.33
C TYR A 75 0.72 6.55 -6.04
N THR A 76 1.25 7.03 -4.89
CA THR A 76 0.99 6.38 -3.64
C THR A 76 1.18 7.32 -2.48
N CYS A 77 0.50 7.02 -1.39
CA CYS A 77 0.68 7.76 -0.16
C CYS A 77 0.48 6.82 1.04
N ALA A 78 1.02 7.21 2.18
CA ALA A 78 0.90 6.39 3.39
C ALA A 78 1.02 7.29 4.61
N TRP A 79 0.31 6.98 5.67
CA TRP A 79 0.35 7.75 6.88
C TRP A 79 1.22 7.12 7.93
N THR A 80 1.83 7.95 8.72
CA THR A 80 2.54 7.54 9.92
C THR A 80 2.35 8.66 10.97
N TYR A 81 3.10 8.65 12.07
CA TYR A 81 3.08 9.72 13.03
C TYR A 81 4.52 9.99 13.47
N ASP A 82 4.76 11.22 13.92
CA ASP A 82 6.05 11.66 14.45
C ASP A 82 6.26 10.91 15.76
N SER A 83 7.38 10.20 15.87
CA SER A 83 7.66 9.31 17.00
C SER A 83 7.88 9.99 18.35
N ASN A 84 8.08 11.30 18.38
CA ASN A 84 8.21 12.01 19.65
C ASN A 84 6.96 12.79 20.00
N THR A 85 6.28 13.38 18.99
CA THR A 85 5.12 14.25 19.26
C THR A 85 3.75 13.61 19.05
N SER A 86 3.69 12.48 18.32
CA SER A 86 2.44 11.80 17.94
C SER A 86 1.66 12.50 16.84
N HIS A 87 2.17 13.60 16.28
CA HIS A 87 1.45 14.27 15.20
C HIS A 87 1.50 13.45 13.93
N PRO A 88 0.37 13.34 13.22
CA PRO A 88 0.38 12.58 11.95
C PRO A 88 1.33 13.18 10.94
N LEU A 89 1.87 12.32 10.07
CA LEU A 89 2.75 12.67 8.98
C LEU A 89 2.26 11.89 7.77
N LEU A 90 2.50 12.43 6.59
CA LEU A 90 2.05 11.80 5.35
C LEU A 90 3.22 11.64 4.39
N ALA A 91 3.42 10.44 3.83
CA ALA A 91 4.50 10.21 2.86
C ALA A 91 3.89 10.03 1.49
N VAL A 92 4.47 10.64 0.46
CA VAL A 92 3.97 10.52 -0.90
C VAL A 92 5.15 10.27 -1.83
N ALA A 93 4.89 9.57 -2.94
CA ALA A 93 5.92 9.31 -3.95
C ALA A 93 5.25 8.96 -5.30
N GLY A 94 6.00 9.05 -6.39
CA GLY A 94 5.46 8.74 -7.71
C GLY A 94 6.53 8.67 -8.79
N SER A 95 6.23 9.23 -10.00
CA SER A 95 7.12 9.16 -11.18
C SER A 95 8.53 9.72 -11.00
N ARG A 96 8.71 10.80 -10.21
CA ARG A 96 10.05 11.36 -10.01
C ARG A 96 10.98 10.50 -9.16
N GLY A 97 10.44 9.51 -8.44
CA GLY A 97 11.26 8.65 -7.60
C GLY A 97 11.76 9.35 -6.33
N ILE A 98 11.02 10.36 -5.88
CA ILE A 98 11.38 11.10 -4.67
C ILE A 98 10.30 10.90 -3.59
N ILE A 99 10.70 10.43 -2.42
CA ILE A 99 9.79 10.27 -1.32
C ILE A 99 9.67 11.60 -0.63
N ARG A 100 8.45 12.12 -0.46
CA ARG A 100 8.28 13.38 0.28
C ARG A 100 7.50 13.10 1.59
N ILE A 101 8.02 13.62 2.70
CA ILE A 101 7.37 13.52 3.99
C ILE A 101 6.73 14.89 4.21
N ILE A 102 5.40 14.94 4.31
CA ILE A 102 4.62 16.17 4.45
C ILE A 102 3.99 16.29 5.83
N ASN A 103 3.99 17.49 6.39
CA ASN A 103 3.34 17.78 7.65
C ASN A 103 1.90 18.00 7.21
N PRO A 104 0.90 17.16 7.56
CA PRO A 104 -0.45 17.35 7.03
C PRO A 104 -1.17 18.61 7.53
N ILE A 105 -0.70 19.22 8.62
CA ILE A 105 -1.30 20.42 9.17
C ILE A 105 -1.13 21.61 8.23
N THR A 106 0.10 21.88 7.80
CA THR A 106 0.47 23.00 6.95
C THR A 106 0.72 22.62 5.48
N MET A 107 0.72 21.30 5.18
CA MET A 107 1.09 20.72 3.90
C MET A 107 2.49 21.12 3.49
N GLN A 108 3.39 21.32 4.45
CA GLN A 108 4.79 21.64 4.17
C GLN A 108 5.54 20.34 3.96
N CYS A 109 6.46 20.32 2.98
CA CYS A 109 7.33 19.18 2.79
C CYS A 109 8.41 19.34 3.88
N ILE A 110 8.51 18.40 4.81
CA ILE A 110 9.47 18.44 5.91
C ILE A 110 10.83 17.91 5.42
N LYS A 111 10.83 16.78 4.70
CA LYS A 111 12.04 16.18 4.16
C LYS A 111 11.78 15.29 2.95
N HIS A 112 12.83 14.96 2.20
CA HIS A 112 12.69 14.11 1.03
C HIS A 112 13.83 13.09 0.90
N TYR A 113 13.53 11.92 0.32
CA TYR A 113 14.52 10.87 0.14
C TYR A 113 14.60 10.51 -1.33
N VAL A 114 15.81 10.41 -1.84
CA VAL A 114 16.05 10.03 -3.23
C VAL A 114 16.99 8.84 -3.21
N GLY A 115 16.85 7.98 -4.19
CA GLY A 115 17.73 6.82 -4.34
C GLY A 115 17.28 5.91 -5.44
N HIS A 116 15.96 5.68 -5.55
CA HIS A 116 15.40 4.78 -6.57
C HIS A 116 15.72 5.31 -7.95
N GLY A 117 16.18 4.42 -8.81
CA GLY A 117 16.53 4.77 -10.18
C GLY A 117 15.33 5.04 -11.08
N ASN A 118 14.10 5.02 -10.50
CA ASN A 118 12.90 5.22 -11.28
C ASN A 118 11.67 5.48 -10.37
N ALA A 119 10.49 5.50 -10.97
CA ALA A 119 9.25 5.76 -10.26
C ALA A 119 9.02 4.86 -9.06
N ILE A 120 8.33 5.39 -8.07
CA ILE A 120 7.98 4.62 -6.88
C ILE A 120 6.50 4.26 -7.03
N ASN A 121 6.18 2.98 -6.99
CA ASN A 121 4.82 2.47 -7.15
C ASN A 121 4.00 2.36 -5.84
N GLU A 122 4.68 2.15 -4.70
CA GLU A 122 4.00 2.01 -3.41
C GLU A 122 4.89 2.36 -2.22
N LEU A 123 4.27 2.91 -1.18
CA LEU A 123 4.90 3.19 0.11
C LEU A 123 4.07 2.50 1.18
N LYS A 124 4.74 1.94 2.17
CA LYS A 124 4.08 1.29 3.29
C LYS A 124 4.92 1.57 4.52
N PHE A 125 4.29 1.91 5.65
CA PHE A 125 4.99 2.03 6.91
C PHE A 125 4.89 0.72 7.70
N HIS A 126 5.93 0.39 8.45
CA HIS A 126 6.01 -0.81 9.28
C HIS A 126 4.85 -0.82 10.29
N PRO A 127 4.15 -1.96 10.53
CA PRO A 127 2.98 -1.92 11.43
C PRO A 127 3.31 -1.69 12.90
N ARG A 128 4.56 -1.90 13.32
CA ARG A 128 4.94 -1.70 14.72
C ARG A 128 5.96 -0.56 14.93
N ASP A 129 6.60 -0.09 13.86
CA ASP A 129 7.55 0.99 13.97
C ASP A 129 7.18 2.10 13.01
N PRO A 130 6.75 3.25 13.54
CA PRO A 130 6.32 4.35 12.66
C PRO A 130 7.42 5.03 11.85
N ASN A 131 8.68 4.72 12.14
CA ASN A 131 9.82 5.31 11.44
C ASN A 131 10.29 4.50 10.24
N LEU A 132 9.88 3.23 10.10
CA LEU A 132 10.37 2.36 9.03
C LEU A 132 9.46 2.40 7.83
N LEU A 133 9.96 2.95 6.75
CA LEU A 133 9.20 3.13 5.52
C LEU A 133 9.72 2.24 4.41
N LEU A 134 8.83 1.49 3.79
CA LEU A 134 9.18 0.66 2.65
C LEU A 134 8.69 1.32 1.36
N SER A 135 9.57 1.41 0.35
CA SER A 135 9.21 1.92 -0.98
C SER A 135 9.48 0.85 -2.04
N VAL A 136 8.61 0.74 -3.03
CA VAL A 136 8.79 -0.20 -4.14
C VAL A 136 8.89 0.57 -5.42
N SER A 137 9.81 0.17 -6.30
CA SER A 137 10.09 0.95 -7.47
C SER A 137 10.14 0.21 -8.79
N LYS A 138 10.05 0.99 -9.88
CA LYS A 138 10.21 0.53 -11.25
C LYS A 138 11.65 0.12 -11.53
N ASP A 139 12.63 0.47 -10.65
CA ASP A 139 14.01 0.02 -10.84
C ASP A 139 14.24 -1.41 -10.35
N HIS A 140 13.17 -2.21 -10.11
CA HIS A 140 13.22 -3.63 -9.73
C HIS A 140 13.53 -3.89 -8.23
N ALA A 141 13.68 -2.82 -7.44
CA ALA A 141 14.05 -2.98 -6.05
C ALA A 141 12.99 -2.41 -5.05
N LEU A 142 13.09 -2.88 -3.80
CA LEU A 142 12.38 -2.40 -2.64
C LEU A 142 13.48 -1.70 -1.78
N ARG A 143 13.11 -0.67 -1.04
CA ARG A 143 14.02 0.03 -0.14
C ARG A 143 13.35 0.21 1.22
N LEU A 144 14.10 0.00 2.29
CA LEU A 144 13.62 0.19 3.65
C LEU A 144 14.38 1.40 4.23
N TRP A 145 13.66 2.48 4.59
CA TRP A 145 14.22 3.70 5.15
C TRP A 145 13.86 3.87 6.62
N ASN A 146 14.70 4.59 7.35
CA ASN A 146 14.42 4.95 8.73
C ASN A 146 14.28 6.48 8.66
N ILE A 147 13.05 7.00 8.70
CA ILE A 147 12.83 8.44 8.59
C ILE A 147 13.12 9.22 9.88
N GLN A 148 13.56 8.55 10.97
CA GLN A 148 13.93 9.29 12.18
C GLN A 148 15.41 9.72 12.00
N THR A 149 16.27 8.80 11.55
CA THR A 149 17.68 9.12 11.34
C THR A 149 18.03 9.42 9.89
N ASP A 150 17.02 9.43 8.96
CA ASP A 150 17.23 9.73 7.54
C ASP A 150 18.22 8.75 6.88
N THR A 151 18.13 7.46 7.24
CA THR A 151 19.04 6.47 6.67
C THR A 151 18.33 5.46 5.79
N LEU A 152 19.07 4.95 4.78
CA LEU A 152 18.60 3.86 3.95
C LEU A 152 19.09 2.61 4.66
N VAL A 153 18.18 1.84 5.23
CA VAL A 153 18.54 0.65 5.99
C VAL A 153 18.94 -0.48 5.07
N ALA A 154 18.15 -0.71 4.01
CA ALA A 154 18.40 -1.83 3.11
C ALA A 154 17.77 -1.66 1.74
N ILE A 155 18.33 -2.34 0.73
CA ILE A 155 17.83 -2.43 -0.63
C ILE A 155 17.60 -3.92 -0.87
N PHE A 156 16.38 -4.26 -1.26
CA PHE A 156 15.93 -5.63 -1.52
C PHE A 156 15.83 -5.77 -3.02
N GLY A 157 16.82 -6.43 -3.55
CA GLY A 157 16.94 -6.63 -4.97
C GLY A 157 18.35 -7.02 -5.31
N GLY A 158 18.53 -7.31 -6.56
CA GLY A 158 19.82 -7.73 -7.06
C GLY A 158 19.70 -8.98 -7.87
N VAL A 159 20.72 -9.77 -7.81
CA VAL A 159 20.92 -10.96 -8.61
C VAL A 159 19.71 -11.97 -8.51
N GLU A 160 19.12 -12.24 -7.33
CA GLU A 160 17.91 -13.10 -7.27
C GLU A 160 16.63 -12.32 -6.83
N GLY A 161 16.64 -11.01 -6.96
CA GLY A 161 15.48 -10.19 -6.64
C GLY A 161 14.59 -10.01 -7.86
N HIS A 162 13.60 -9.10 -7.77
CA HIS A 162 12.72 -8.86 -8.91
C HIS A 162 13.49 -8.58 -10.23
N ARG A 163 12.98 -9.14 -11.31
CA ARG A 163 13.57 -9.06 -12.65
C ARG A 163 12.92 -7.95 -13.51
N ASP A 164 11.91 -7.26 -12.99
CA ASP A 164 11.19 -6.20 -13.67
C ASP A 164 10.57 -5.26 -12.59
N GLU A 165 9.85 -4.22 -13.01
CA GLU A 165 9.22 -3.24 -12.14
C GLU A 165 8.43 -3.87 -10.98
N VAL A 166 8.66 -3.40 -9.74
CA VAL A 166 7.95 -3.91 -8.56
C VAL A 166 6.71 -3.04 -8.40
N LEU A 167 5.55 -3.66 -8.24
CA LEU A 167 4.29 -2.93 -8.22
C LEU A 167 3.72 -2.75 -6.87
N SER A 168 3.89 -3.73 -5.99
CA SER A 168 3.31 -3.68 -4.68
C SER A 168 4.12 -4.48 -3.65
N ALA A 169 3.92 -4.18 -2.37
CA ALA A 169 4.53 -4.93 -1.26
C ALA A 169 3.72 -4.73 0.01
N ASP A 170 3.82 -5.68 0.94
CA ASP A 170 3.11 -5.59 2.20
C ASP A 170 3.88 -6.25 3.31
N TYR A 171 3.75 -5.71 4.52
CA TYR A 171 4.38 -6.31 5.69
C TYR A 171 3.37 -7.28 6.30
N ASP A 172 3.84 -8.35 6.96
CA ASP A 172 2.92 -9.21 7.70
C ASP A 172 2.48 -8.46 8.99
N LEU A 173 1.67 -9.11 9.83
CA LEU A 173 1.18 -8.55 11.08
C LEU A 173 2.24 -7.93 11.97
N LEU A 174 3.31 -8.67 12.30
CA LEU A 174 4.32 -8.11 13.22
C LEU A 174 5.41 -7.31 12.55
N GLY A 175 5.40 -7.22 11.21
CA GLY A 175 6.45 -6.51 10.49
C GLY A 175 7.76 -7.27 10.54
N GLU A 176 7.68 -8.62 10.50
CA GLU A 176 8.80 -9.55 10.49
C GLU A 176 9.18 -10.01 9.08
N LYS A 177 8.27 -9.84 8.12
CA LYS A 177 8.49 -10.22 6.75
C LYS A 177 7.67 -9.37 5.79
N ILE A 178 8.17 -9.26 4.58
CA ILE A 178 7.54 -8.48 3.53
C ILE A 178 7.25 -9.40 2.36
N MET A 179 6.12 -9.23 1.68
CA MET A 179 5.84 -9.95 0.44
C MET A 179 5.73 -8.88 -0.66
N SER A 180 6.47 -9.01 -1.75
CA SER A 180 6.45 -8.06 -2.86
C SER A 180 6.01 -8.76 -4.16
N CYS A 181 5.62 -7.99 -5.18
CA CYS A 181 5.17 -8.57 -6.43
C CYS A 181 5.36 -7.54 -7.55
N GLY A 182 5.38 -7.98 -8.80
CA GLY A 182 5.52 -7.06 -9.90
C GLY A 182 5.32 -7.64 -11.28
N MET A 183 5.89 -6.94 -12.28
CA MET A 183 5.79 -7.26 -13.69
C MET A 183 6.51 -8.53 -14.11
N ASP A 184 7.41 -9.07 -13.29
CA ASP A 184 8.06 -10.34 -13.63
C ASP A 184 7.15 -11.55 -13.32
N HIS A 185 5.85 -11.32 -12.92
CA HIS A 185 4.84 -12.32 -12.54
C HIS A 185 5.12 -12.98 -11.17
N SER A 186 6.20 -12.61 -10.48
CA SER A 186 6.52 -13.30 -9.24
C SER A 186 6.06 -12.60 -7.96
N LEU A 187 5.99 -13.36 -6.86
CA LEU A 187 5.69 -12.90 -5.50
C LEU A 187 6.91 -13.35 -4.69
N LYS A 188 7.59 -12.40 -4.03
CA LYS A 188 8.79 -12.73 -3.27
C LYS A 188 8.66 -12.36 -1.80
N LEU A 189 9.14 -13.25 -0.92
CA LEU A 189 9.10 -13.06 0.52
C LEU A 189 10.50 -12.61 0.97
N TRP A 190 10.59 -11.56 1.77
CA TRP A 190 11.85 -11.05 2.29
C TRP A 190 11.71 -10.98 3.79
N ARG A 191 12.46 -11.79 4.52
CA ARG A 191 12.38 -11.78 5.98
C ARG A 191 13.18 -10.62 6.52
N ILE A 192 12.59 -9.83 7.41
CA ILE A 192 13.30 -8.70 8.01
C ILE A 192 13.52 -8.91 9.53
N ASN A 193 13.29 -10.13 10.03
CA ASN A 193 13.58 -10.47 11.42
C ASN A 193 14.86 -11.32 11.52
N SER A 194 15.66 -11.42 10.43
CA SER A 194 16.94 -12.12 10.51
C SER A 194 17.88 -11.33 11.42
N LYS A 195 18.96 -11.97 11.90
CA LYS A 195 19.93 -11.30 12.75
C LYS A 195 20.56 -10.12 11.98
N ARG A 196 20.81 -10.30 10.68
CA ARG A 196 21.39 -9.27 9.85
C ARG A 196 20.47 -8.02 9.71
N MET A 197 19.17 -8.23 9.49
CA MET A 197 18.24 -7.13 9.32
C MET A 197 17.86 -6.44 10.63
N MET A 198 17.72 -7.18 11.73
CA MET A 198 17.46 -6.57 13.03
C MET A 198 18.67 -5.75 13.46
N ASN A 199 19.90 -6.23 13.16
CA ASN A 199 21.10 -5.47 13.52
C ASN A 199 21.20 -4.22 12.68
N ALA A 200 20.88 -4.29 11.38
CA ALA A 200 20.94 -3.12 10.51
C ALA A 200 19.92 -2.08 10.97
N ILE A 201 18.71 -2.53 11.40
CA ILE A 201 17.72 -1.58 11.90
C ILE A 201 18.22 -0.88 13.19
N LYS A 202 18.81 -1.65 14.09
CA LYS A 202 19.35 -1.13 15.34
C LYS A 202 20.47 -0.12 15.07
N GLU A 203 21.33 -0.42 14.10
CA GLU A 203 22.41 0.47 13.72
C GLU A 203 21.87 1.75 13.08
N SER A 204 20.79 1.65 12.28
CA SER A 204 20.16 2.83 11.66
C SER A 204 19.68 3.80 12.74
N TYR A 205 19.24 3.27 13.90
CA TYR A 205 18.78 4.14 14.99
C TYR A 205 19.93 4.82 15.71
N ASP A 206 21.09 4.16 15.80
CA ASP A 206 22.29 4.72 16.44
C ASP A 206 23.06 5.67 15.55
N TYR A 207 22.67 5.82 14.28
CA TYR A 207 23.37 6.67 13.36
C TYR A 207 23.03 8.13 13.51
N ASN A 208 24.05 8.93 13.71
CA ASN A 208 23.94 10.37 13.78
C ASN A 208 25.19 10.88 13.04
N PRO A 209 25.00 11.43 11.83
CA PRO A 209 26.15 11.87 11.01
C PRO A 209 26.97 13.01 11.61
N ASN A 210 26.34 13.83 12.46
CA ASN A 210 27.05 14.89 13.19
C ASN A 210 28.02 14.27 14.21
N LYS A 211 27.74 13.05 14.71
CA LYS A 211 28.60 12.42 15.71
C LYS A 211 29.54 11.33 15.17
N THR A 212 29.67 11.19 13.83
CA THR A 212 30.53 10.16 13.23
C THR A 212 31.13 10.54 11.88
N ASN A 213 32.17 9.83 11.44
CA ASN A 213 32.84 10.03 10.14
C ASN A 213 32.35 9.04 9.07
N ARG A 214 31.85 7.86 9.50
CA ARG A 214 31.38 6.83 8.59
C ARG A 214 30.06 7.19 7.92
N PRO A 215 29.87 6.75 6.66
CA PRO A 215 28.53 6.86 6.07
C PRO A 215 27.67 5.72 6.66
N PHE A 216 26.34 5.83 6.57
CA PHE A 216 25.50 4.72 7.07
C PHE A 216 25.60 3.59 6.04
N ILE A 217 25.97 2.36 6.45
CA ILE A 217 26.09 1.27 5.47
C ILE A 217 24.74 0.62 5.24
N SER A 218 24.17 0.72 4.04
CA SER A 218 22.90 0.09 3.72
C SER A 218 23.10 -1.39 3.41
N GLN A 219 22.21 -2.27 3.88
CA GLN A 219 22.30 -3.69 3.54
C GLN A 219 21.80 -3.88 2.10
N LYS A 220 22.44 -4.77 1.35
CA LYS A 220 22.00 -5.10 0.00
C LYS A 220 21.60 -6.54 0.10
N ILE A 221 20.29 -6.80 0.03
CA ILE A 221 19.73 -8.13 0.17
C ILE A 221 19.44 -8.65 -1.23
N HIS A 222 20.26 -9.59 -1.72
CA HIS A 222 20.14 -10.11 -3.08
C HIS A 222 19.26 -11.33 -3.23
N PHE A 223 18.94 -12.01 -2.12
CA PHE A 223 18.19 -13.24 -2.15
C PHE A 223 16.92 -13.21 -1.31
N PRO A 224 15.76 -13.45 -1.92
CA PRO A 224 14.53 -13.57 -1.11
C PRO A 224 14.47 -14.92 -0.39
N ASP A 225 13.64 -14.99 0.63
CA ASP A 225 13.44 -16.20 1.41
C ASP A 225 12.39 -17.15 0.80
N PHE A 226 11.72 -16.75 -0.29
CA PHE A 226 10.72 -17.52 -1.02
C PHE A 226 10.37 -16.74 -2.29
N SER A 227 10.12 -17.48 -3.37
CA SER A 227 9.74 -16.86 -4.63
C SER A 227 8.79 -17.80 -5.40
N THR A 228 7.77 -17.26 -6.04
CA THR A 228 6.85 -18.05 -6.83
C THR A 228 6.29 -17.29 -8.02
N ARG A 229 6.13 -17.98 -9.14
CA ARG A 229 5.45 -17.47 -10.33
C ARG A 229 4.22 -18.35 -10.69
N ASP A 230 3.78 -19.24 -9.79
CA ASP A 230 2.68 -20.16 -10.08
C ASP A 230 1.31 -19.64 -9.72
N ILE A 231 1.18 -18.44 -9.14
CA ILE A 231 -0.12 -17.94 -8.70
C ILE A 231 -0.91 -17.30 -9.83
N HIS A 232 -0.26 -16.40 -10.55
CA HIS A 232 -0.85 -15.65 -11.64
C HIS A 232 -0.06 -15.90 -12.93
N ARG A 233 -0.66 -15.58 -14.07
CA ARG A 233 -0.02 -15.73 -15.39
C ARG A 233 0.36 -14.36 -16.02
N ASN A 234 0.23 -13.25 -15.27
CA ASN A 234 0.53 -11.91 -15.76
C ASN A 234 1.08 -11.00 -14.59
N TYR A 235 1.30 -9.68 -14.83
CA TYR A 235 1.81 -8.74 -13.81
C TYR A 235 0.98 -8.82 -12.52
N VAL A 236 1.62 -8.90 -11.37
CA VAL A 236 0.93 -8.94 -10.09
C VAL A 236 1.00 -7.51 -9.59
N ASP A 237 -0.14 -6.80 -9.52
CA ASP A 237 -0.11 -5.39 -9.17
C ASP A 237 -0.62 -5.04 -7.77
N CYS A 238 -0.93 -6.03 -6.92
CA CYS A 238 -1.38 -5.74 -5.57
C CYS A 238 -1.23 -7.01 -4.71
N VAL A 239 -0.71 -6.85 -3.49
CA VAL A 239 -0.51 -7.96 -2.57
C VAL A 239 -0.71 -7.48 -1.14
N ARG A 240 -1.38 -8.28 -0.30
CA ARG A 240 -1.60 -7.98 1.11
C ARG A 240 -1.52 -9.28 1.90
N TRP A 241 -1.05 -9.20 3.15
CA TRP A 241 -1.09 -10.35 4.02
C TRP A 241 -2.51 -10.42 4.66
N LEU A 242 -2.96 -11.65 4.96
CA LEU A 242 -4.19 -11.92 5.70
C LEU A 242 -3.71 -12.97 6.69
N GLY A 243 -3.09 -12.52 7.79
CA GLY A 243 -2.48 -13.45 8.74
C GLY A 243 -1.25 -14.08 8.12
N ASP A 244 -1.15 -15.41 8.15
CA ASP A 244 -0.07 -16.16 7.48
C ASP A 244 -0.40 -16.45 5.99
N LEU A 245 -1.54 -15.98 5.50
CA LEU A 245 -1.99 -16.17 4.13
C LEU A 245 -1.70 -14.90 3.31
N ILE A 246 -1.71 -15.04 2.00
CA ILE A 246 -1.48 -13.94 1.10
C ILE A 246 -2.69 -13.77 0.19
N LEU A 247 -3.06 -12.50 -0.09
CA LEU A 247 -4.06 -12.11 -1.06
C LEU A 247 -3.29 -11.37 -2.17
N SER A 248 -3.44 -11.77 -3.43
CA SER A 248 -2.74 -11.10 -4.51
C SER A 248 -3.57 -11.09 -5.77
N LYS A 249 -3.39 -10.06 -6.63
CA LYS A 249 -4.17 -10.00 -7.85
C LYS A 249 -3.35 -9.64 -9.07
N SER A 250 -3.78 -10.13 -10.20
CA SER A 250 -3.21 -9.85 -11.51
C SER A 250 -4.33 -9.07 -12.31
N CYS A 251 -4.39 -9.16 -13.65
CA CYS A 251 -5.49 -8.54 -14.41
C CYS A 251 -6.45 -9.63 -14.92
N GLU A 252 -6.50 -10.80 -14.27
CA GLU A 252 -7.34 -11.89 -14.73
C GLU A 252 -8.70 -11.94 -14.01
N ASN A 253 -9.20 -10.77 -13.56
CA ASN A 253 -10.49 -10.59 -12.86
C ASN A 253 -10.57 -11.48 -11.61
N ALA A 254 -9.46 -11.57 -10.83
CA ALA A 254 -9.43 -12.40 -9.62
C ALA A 254 -8.37 -12.05 -8.56
N ILE A 255 -8.77 -12.16 -7.30
CA ILE A 255 -7.87 -12.01 -6.16
C ILE A 255 -7.66 -13.43 -5.69
N VAL A 256 -6.42 -13.91 -5.69
CA VAL A 256 -6.12 -15.25 -5.23
C VAL A 256 -5.68 -15.25 -3.74
N CYS A 257 -6.19 -16.18 -2.97
CA CYS A 257 -5.79 -16.38 -1.60
C CYS A 257 -4.92 -17.62 -1.56
N TRP A 258 -3.66 -17.49 -1.12
CA TRP A 258 -2.74 -18.60 -1.15
C TRP A 258 -1.69 -18.54 -0.01
N LYS A 259 -0.86 -19.56 0.08
CA LYS A 259 0.22 -19.59 1.05
C LYS A 259 1.38 -20.38 0.46
N PRO A 260 2.61 -20.01 0.83
CA PRO A 260 3.77 -20.78 0.37
C PRO A 260 3.75 -22.18 0.97
N GLY A 261 4.31 -23.14 0.26
CA GLY A 261 4.38 -24.53 0.68
C GLY A 261 3.08 -25.31 0.61
N LYS A 262 3.10 -26.51 1.17
CA LYS A 262 1.94 -27.39 1.26
C LYS A 262 0.93 -26.89 2.32
N MET A 263 -0.29 -27.43 2.30
CA MET A 263 -1.39 -27.01 3.18
C MET A 263 -1.01 -26.83 4.64
N GLU A 264 -0.26 -27.78 5.22
CA GLU A 264 0.09 -27.73 6.64
C GLU A 264 1.44 -27.10 6.95
N ASP A 265 2.14 -26.54 5.94
CA ASP A 265 3.45 -25.94 6.17
C ASP A 265 3.37 -24.58 6.89
N ASP A 266 4.15 -24.43 7.96
CA ASP A 266 4.23 -23.17 8.71
C ASP A 266 5.06 -22.18 7.87
N ILE A 267 4.61 -20.92 7.77
CA ILE A 267 5.27 -19.86 6.99
C ILE A 267 6.72 -19.60 7.46
N ASP A 268 7.01 -19.81 8.75
CA ASP A 268 8.36 -19.58 9.26
C ASP A 268 9.30 -20.81 9.14
N LYS A 269 8.80 -21.94 8.66
CA LYS A 269 9.63 -23.10 8.37
C LYS A 269 9.93 -23.17 6.84
N ILE A 270 9.31 -22.31 6.00
CA ILE A 270 9.49 -22.29 4.56
C ILE A 270 10.94 -21.92 4.23
N LYS A 271 11.61 -22.74 3.43
CA LYS A 271 13.00 -22.48 3.03
C LYS A 271 13.02 -21.80 1.65
N PRO A 272 14.12 -21.09 1.29
CA PRO A 272 14.17 -20.40 -0.02
C PRO A 272 13.98 -21.25 -1.27
N SER A 273 14.25 -22.55 -1.17
CA SER A 273 14.10 -23.45 -2.31
C SER A 273 12.71 -24.08 -2.42
N GLU A 274 11.74 -23.72 -1.51
CA GLU A 274 10.37 -24.21 -1.50
C GLU A 274 9.72 -24.03 -2.88
N SER A 275 9.27 -25.15 -3.47
CA SER A 275 8.70 -25.12 -4.81
C SER A 275 7.17 -25.23 -4.84
N ASN A 276 6.51 -25.47 -3.69
CA ASN A 276 5.04 -25.58 -3.68
C ASN A 276 4.30 -24.34 -3.18
N VAL A 277 3.04 -24.18 -3.60
CA VAL A 277 2.09 -23.16 -3.16
C VAL A 277 0.73 -23.85 -2.96
N THR A 278 -0.09 -23.32 -2.06
CA THR A 278 -1.40 -23.89 -1.82
C THR A 278 -2.44 -22.81 -2.02
N ILE A 279 -3.39 -23.04 -2.91
CA ILE A 279 -4.44 -22.07 -3.15
C ILE A 279 -5.64 -22.38 -2.30
N LEU A 280 -6.01 -21.43 -1.44
CA LEU A 280 -7.12 -21.55 -0.50
C LEU A 280 -8.44 -20.99 -1.05
N GLY A 281 -8.40 -20.30 -2.19
CA GLY A 281 -9.59 -19.72 -2.78
C GLY A 281 -9.27 -18.67 -3.80
N ARG A 282 -10.29 -18.19 -4.47
CA ARG A 282 -10.15 -17.14 -5.45
C ARG A 282 -11.41 -16.33 -5.49
N PHE A 283 -11.31 -15.03 -5.35
CA PHE A 283 -12.45 -14.14 -5.38
C PHE A 283 -12.54 -13.54 -6.76
N ASP A 284 -13.42 -14.08 -7.62
CA ASP A 284 -13.58 -13.53 -8.98
C ASP A 284 -14.52 -12.34 -8.97
N TYR A 285 -14.36 -11.47 -9.95
CA TYR A 285 -15.20 -10.29 -10.15
C TYR A 285 -15.25 -9.96 -11.67
N SER A 286 -15.98 -8.92 -12.08
CA SER A 286 -16.11 -8.60 -13.51
C SER A 286 -15.42 -7.32 -13.95
N GLN A 287 -15.11 -7.24 -15.25
CA GLN A 287 -14.56 -6.12 -15.99
C GLN A 287 -13.37 -5.43 -15.37
N CYS A 288 -12.21 -6.04 -15.56
CA CYS A 288 -10.93 -5.49 -15.14
C CYS A 288 -9.97 -5.82 -16.29
N ASP A 289 -9.76 -4.86 -17.18
CA ASP A 289 -8.87 -5.01 -18.33
C ASP A 289 -7.57 -4.20 -18.14
N ILE A 290 -7.67 -3.06 -17.45
CA ILE A 290 -6.55 -2.16 -17.25
C ILE A 290 -5.64 -2.56 -16.08
N TRP A 291 -4.39 -2.10 -16.13
CA TRP A 291 -3.40 -2.31 -15.09
C TRP A 291 -3.45 -1.17 -14.08
N TYR A 292 -2.95 -1.44 -12.86
CA TYR A 292 -2.86 -0.45 -11.80
C TYR A 292 -4.19 -0.24 -11.08
N MET A 293 -4.63 -1.26 -10.36
CA MET A 293 -5.84 -1.22 -9.55
C MET A 293 -5.45 -1.84 -8.20
N ARG A 294 -5.93 -1.26 -7.09
CA ARG A 294 -5.60 -1.79 -5.77
CA ARG A 294 -5.60 -1.79 -5.77
C ARG A 294 -6.81 -2.26 -5.01
N PHE A 295 -6.63 -3.32 -4.25
CA PHE A 295 -7.68 -3.77 -3.34
C PHE A 295 -7.19 -3.37 -1.94
N SER A 296 -8.12 -3.26 -0.99
CA SER A 296 -7.78 -2.86 0.38
CA SER A 296 -7.77 -2.88 0.37
C SER A 296 -8.56 -3.67 1.40
N THR A 297 -8.04 -3.79 2.61
CA THR A 297 -8.77 -4.42 3.71
C THR A 297 -9.00 -3.30 4.75
N ASP A 298 -9.95 -3.51 5.65
CA ASP A 298 -10.20 -2.58 6.73
C ASP A 298 -9.16 -2.83 7.85
N PHE A 299 -9.22 -2.05 8.94
CA PHE A 299 -8.26 -2.22 10.05
C PHE A 299 -8.23 -3.64 10.62
N TRP A 300 -9.40 -4.19 10.94
CA TRP A 300 -9.46 -5.53 11.55
C TRP A 300 -9.32 -6.70 10.56
N GLN A 301 -9.28 -6.43 9.25
CA GLN A 301 -9.24 -7.44 8.19
C GLN A 301 -10.50 -8.32 8.19
N LYS A 302 -11.64 -7.72 8.53
CA LYS A 302 -12.93 -8.38 8.44
C LYS A 302 -13.49 -8.19 7.01
N MET A 303 -13.04 -7.17 6.26
CA MET A 303 -13.57 -6.86 4.95
C MET A 303 -12.46 -6.60 3.95
N LEU A 304 -12.77 -6.84 2.67
CA LEU A 304 -11.88 -6.68 1.55
C LEU A 304 -12.65 -5.91 0.45
N ALA A 305 -12.07 -4.83 -0.11
CA ALA A 305 -12.77 -4.04 -1.13
C ALA A 305 -11.93 -3.82 -2.35
N LEU A 306 -12.59 -3.75 -3.50
CA LEU A 306 -11.96 -3.55 -4.80
C LEU A 306 -13.00 -2.96 -5.75
N GLY A 307 -12.61 -1.98 -6.54
CA GLY A 307 -13.47 -1.41 -7.55
C GLY A 307 -13.07 -1.92 -8.93
N ASN A 308 -14.02 -1.95 -9.91
CA ASN A 308 -13.66 -2.42 -11.25
C ASN A 308 -13.55 -1.24 -12.27
N GLN A 309 -13.32 -1.51 -13.57
CA GLN A 309 -13.14 -0.44 -14.52
C GLN A 309 -14.43 0.29 -14.91
N VAL A 310 -15.59 -0.12 -14.38
CA VAL A 310 -16.85 0.57 -14.70
C VAL A 310 -17.55 1.13 -13.45
N GLY A 311 -16.80 1.35 -12.37
CA GLY A 311 -17.36 1.96 -11.16
C GLY A 311 -18.11 1.06 -10.21
N LYS A 312 -18.03 -0.28 -10.41
CA LYS A 312 -18.68 -1.19 -9.48
C LYS A 312 -17.75 -1.52 -8.29
N LEU A 313 -18.28 -1.55 -7.06
CA LEU A 313 -17.51 -1.88 -5.87
C LEU A 313 -17.86 -3.27 -5.35
N TYR A 314 -16.85 -4.08 -5.06
CA TYR A 314 -17.06 -5.42 -4.50
C TYR A 314 -16.51 -5.40 -3.06
N VAL A 315 -17.29 -5.88 -2.09
CA VAL A 315 -16.85 -5.94 -0.71
C VAL A 315 -17.04 -7.36 -0.24
N TRP A 316 -15.97 -8.03 0.19
CA TRP A 316 -16.06 -9.39 0.68
C TRP A 316 -15.91 -9.39 2.17
N ASP A 317 -16.78 -10.14 2.83
CA ASP A 317 -16.83 -10.35 4.25
C ASP A 317 -15.92 -11.53 4.52
N LEU A 318 -14.79 -11.27 5.18
CA LEU A 318 -13.79 -12.27 5.52
C LEU A 318 -14.03 -12.95 6.88
N GLU A 319 -15.07 -12.54 7.63
CA GLU A 319 -15.40 -13.16 8.93
C GLU A 319 -16.09 -14.51 8.73
N VAL A 320 -15.36 -15.48 8.20
CA VAL A 320 -15.83 -16.83 7.90
C VAL A 320 -14.73 -17.82 8.24
N GLU A 321 -15.07 -19.09 8.44
CA GLU A 321 -14.10 -20.12 8.82
C GLU A 321 -12.92 -20.33 7.87
N ASP A 322 -13.14 -20.23 6.56
CA ASP A 322 -12.10 -20.48 5.56
C ASP A 322 -12.19 -19.41 4.47
N PRO A 323 -11.06 -19.03 3.85
CA PRO A 323 -11.10 -17.96 2.83
C PRO A 323 -12.09 -18.18 1.69
N HIS A 324 -12.23 -19.43 1.20
CA HIS A 324 -13.15 -19.69 0.09
C HIS A 324 -14.64 -19.46 0.44
N LYS A 325 -15.00 -19.37 1.73
CA LYS A 325 -16.39 -19.10 2.10
C LYS A 325 -16.71 -17.62 2.21
N ALA A 326 -15.81 -16.71 1.77
CA ALA A 326 -16.04 -15.26 1.89
C ALA A 326 -17.31 -14.82 1.21
N LYS A 327 -18.12 -13.97 1.86
CA LYS A 327 -19.39 -13.51 1.28
C LYS A 327 -19.26 -12.16 0.61
N CYS A 328 -19.69 -12.07 -0.63
CA CYS A 328 -19.58 -10.86 -1.43
C CYS A 328 -20.85 -9.98 -1.46
N THR A 329 -20.66 -8.68 -1.38
CA THR A 329 -21.68 -7.62 -1.47
C THR A 329 -21.21 -6.72 -2.61
N THR A 330 -22.12 -6.28 -3.48
CA THR A 330 -21.76 -5.37 -4.56
C THR A 330 -22.43 -4.01 -4.36
N LEU A 331 -21.71 -2.93 -4.67
CA LEU A 331 -22.16 -1.54 -4.51
C LEU A 331 -22.06 -0.82 -5.84
N THR A 332 -23.21 -0.36 -6.36
CA THR A 332 -23.23 0.35 -7.63
C THR A 332 -24.00 1.65 -7.53
N HIS A 333 -23.58 2.66 -8.29
CA HIS A 333 -24.27 3.94 -8.39
C HIS A 333 -24.39 4.30 -9.88
N HIS A 334 -25.57 4.75 -10.32
CA HIS A 334 -25.83 5.11 -11.72
C HIS A 334 -24.91 6.22 -12.27
N LYS A 335 -24.36 7.06 -11.39
CA LYS A 335 -23.47 8.14 -11.82
C LYS A 335 -21.98 7.75 -11.78
N CYS A 336 -21.62 6.70 -10.99
CA CYS A 336 -20.24 6.21 -10.82
C CYS A 336 -19.89 5.23 -11.95
N GLY A 337 -19.21 5.72 -13.00
CA GLY A 337 -18.88 4.88 -14.14
C GLY A 337 -17.44 4.80 -14.62
N ALA A 338 -16.52 5.52 -13.97
CA ALA A 338 -15.09 5.46 -14.32
C ALA A 338 -14.38 4.40 -13.45
N ALA A 339 -13.18 3.94 -13.89
CA ALA A 339 -12.41 2.93 -13.17
C ALA A 339 -12.03 3.36 -11.75
N ILE A 340 -12.25 2.50 -10.77
CA ILE A 340 -11.89 2.78 -9.38
C ILE A 340 -10.48 2.27 -9.12
N ARG A 341 -9.52 3.17 -8.90
CA ARG A 341 -8.13 2.79 -8.69
C ARG A 341 -7.84 2.29 -7.29
N GLN A 342 -8.48 2.86 -6.27
CA GLN A 342 -8.24 2.45 -4.89
C GLN A 342 -9.43 2.79 -4.01
N THR A 343 -9.57 2.08 -2.91
CA THR A 343 -10.56 2.31 -1.88
C THR A 343 -9.83 2.38 -0.53
N SER A 344 -10.48 2.94 0.46
CA SER A 344 -9.93 3.00 1.81
C SER A 344 -11.08 2.99 2.77
N PHE A 345 -10.94 2.21 3.83
CA PHE A 345 -11.92 2.18 4.91
C PHE A 345 -11.40 3.06 6.03
N SER A 346 -12.31 3.74 6.75
CA SER A 346 -11.92 4.49 7.94
C SER A 346 -11.51 3.46 9.00
N ARG A 347 -10.77 3.86 10.06
CA ARG A 347 -10.33 2.91 11.07
C ARG A 347 -11.47 2.10 11.71
N ASP A 348 -12.66 2.71 11.95
CA ASP A 348 -13.84 2.04 12.50
C ASP A 348 -14.69 1.29 11.47
N SER A 349 -14.30 1.35 10.18
CA SER A 349 -15.00 0.72 9.05
C SER A 349 -16.38 1.33 8.75
N SER A 350 -16.72 2.46 9.37
CA SER A 350 -18.01 3.10 9.11
C SER A 350 -18.05 3.84 7.77
N ILE A 351 -16.87 4.20 7.19
CA ILE A 351 -16.85 4.88 5.89
C ILE A 351 -15.92 4.17 4.90
N LEU A 352 -16.35 4.09 3.64
CA LEU A 352 -15.54 3.52 2.57
C LEU A 352 -15.46 4.59 1.49
N ILE A 353 -14.24 5.02 1.14
CA ILE A 353 -14.03 6.02 0.09
C ILE A 353 -13.47 5.33 -1.14
N ALA A 354 -14.00 5.63 -2.35
CA ALA A 354 -13.43 5.10 -3.59
C ALA A 354 -12.98 6.28 -4.48
N VAL A 355 -11.83 6.16 -5.17
CA VAL A 355 -11.36 7.24 -6.04
C VAL A 355 -11.26 6.72 -7.48
N CYS A 356 -11.56 7.58 -8.46
CA CYS A 356 -11.68 7.17 -9.86
C CYS A 356 -10.78 7.90 -10.86
N ASP A 357 -10.74 7.34 -12.08
CA ASP A 357 -10.03 7.84 -13.24
C ASP A 357 -10.46 9.22 -13.73
N ASP A 358 -11.69 9.60 -13.43
CA ASP A 358 -12.20 10.91 -13.80
C ASP A 358 -12.01 11.95 -12.68
N ALA A 359 -11.05 11.73 -11.75
CA ALA A 359 -10.77 12.58 -10.59
C ALA A 359 -11.91 12.65 -9.58
N SER A 360 -12.88 11.72 -9.65
CA SER A 360 -14.00 11.73 -8.73
C SER A 360 -13.72 10.92 -7.47
N ILE A 361 -14.37 11.30 -6.36
CA ILE A 361 -14.26 10.69 -5.05
C ILE A 361 -15.66 10.30 -4.63
N TRP A 362 -15.86 9.07 -4.15
CA TRP A 362 -17.16 8.56 -3.75
C TRP A 362 -17.18 8.11 -2.32
N ARG A 363 -18.15 8.55 -1.56
CA ARG A 363 -18.27 8.20 -0.15
C ARG A 363 -19.43 7.25 0.12
N TRP A 364 -19.15 6.13 0.80
CA TRP A 364 -20.15 5.14 1.18
C TRP A 364 -20.13 5.01 2.69
N ASP A 365 -21.25 5.25 3.38
CA ASP A 365 -21.31 5.10 4.84
C ASP A 365 -22.10 3.84 5.18
N ARG A 366 -21.72 3.13 6.24
CA ARG A 366 -22.48 1.95 6.68
C ARG A 366 -23.75 2.44 7.33
#